data_3BI3
#
_entry.id   3BI3
#
_cell.length_a   41.407
_cell.length_b   75.629
_cell.length_c   50.972
_cell.angle_alpha   90.00
_cell.angle_beta   107.73
_cell.angle_gamma   90.00
#
_symmetry.space_group_name_H-M   'P 1 21 1'
#
loop_
_entity.id
_entity.type
_entity.pdbx_description
1 polymer 'Alpha-ketoglutarate-dependent dioxygenase alkB'
2 polymer "DNA (5'-D(*TP*AP*GP*GP*TP*AP*AP*(MA7)P*AP*(2YR)P*CP*GP*T)-3')"
3 polymer "DNA (5'-D(*DAP*DAP*DCP*DGP*DGP*DTP*DAP*DTP*DTP*DAP*DCP*DCP*DT)-3')"
4 non-polymer 'MANGANESE (II) ION'
5 non-polymer '2-OXOGLUTARIC ACID'
6 water water
#
loop_
_entity_poly.entity_id
_entity_poly.type
_entity_poly.pdbx_seq_one_letter_code
_entity_poly.pdbx_strand_id
1 'polypeptide(L)'
;EPLAAGAVILRRFAFNAAEQLIRDINDVASQSPFRQMVTPGGYTMSVAMTNCGHLGWTTHRQGYLYSPIDPQTNKPWPAM
PQSFHNLCQRAATAAGYPDFQPDACLINRYAPGAKLCLHQDKDEPDLRAPIVSVSLGLPAIFQFGGLKRNDPLKRLLLEH
GDVVVWGGESRLFYHGIQPLKAGFHPLTIDCRYNLTFRQAG
;
A
2 'polydeoxyribonucleotide' (DT)(DA)(DG)(DG)(DT)(DA)(DA)(MA7)(DA)(2YR)(DC)(DG)(DT) B
3 'polydeoxyribonucleotide' (DA)(DA)(DC)(DG)(DG)(DT)(DA)(DT)(DT)(DA)(DC)(DC)(DT) C
#
# COMPACT_ATOMS: atom_id res chain seq x y z
N GLU A 1 -11.03 7.24 14.49
CA GLU A 1 -9.54 7.28 14.27
C GLU A 1 -8.77 6.10 14.90
N PRO A 2 -8.92 5.88 16.23
CA PRO A 2 -8.01 4.96 16.95
C PRO A 2 -8.15 3.48 16.57
N LEU A 3 -7.28 3.03 15.67
CA LEU A 3 -7.27 1.64 15.20
C LEU A 3 -6.56 0.72 16.20
N ALA A 4 -5.37 1.15 16.63
CA ALA A 4 -4.56 0.43 17.61
C ALA A 4 -3.48 1.37 18.14
N ALA A 5 -2.62 0.85 19.01
CA ALA A 5 -1.50 1.62 19.53
C ALA A 5 -0.55 1.99 18.40
N GLY A 6 -0.45 3.30 18.13
CA GLY A 6 0.35 3.80 17.02
C GLY A 6 -0.34 3.68 15.66
N ALA A 7 -1.59 3.25 15.66
CA ALA A 7 -2.37 3.06 14.43
C ALA A 7 -3.61 3.94 14.38
N VAL A 8 -3.91 4.45 13.20
CA VAL A 8 -5.04 5.36 13.01
C VAL A 8 -5.57 5.28 11.57
N ILE A 9 -6.87 5.49 11.41
CA ILE A 9 -7.45 5.69 10.07
C ILE A 9 -7.84 7.16 9.92
N LEU A 10 -7.38 7.76 8.84
CA LEU A 10 -7.74 9.12 8.49
C LEU A 10 -8.72 9.04 7.33
N ARG A 11 -10.01 9.03 7.67
CA ARG A 11 -11.03 8.77 6.65
C ARG A 11 -11.14 9.93 5.66
N ARG A 12 -11.15 9.57 4.37
N ARG A 12 -11.16 9.57 4.38
CA ARG A 12 -11.27 10.53 3.25
CA ARG A 12 -11.27 10.53 3.25
C ARG A 12 -10.13 11.55 3.18
C ARG A 12 -10.14 11.56 3.20
N PHE A 13 -9.04 11.26 3.88
CA PHE A 13 -7.88 12.18 3.93
C PHE A 13 -7.32 12.54 2.55
N ALA A 14 -7.25 11.54 1.67
CA ALA A 14 -6.69 11.70 0.33
C ALA A 14 -7.76 11.97 -0.73
N PHE A 15 -8.99 12.24 -0.31
CA PHE A 15 -10.11 12.45 -1.23
C PHE A 15 -9.84 13.59 -2.22
N ASN A 16 -9.37 14.73 -1.71
CA ASN A 16 -9.09 15.90 -2.53
C ASN A 16 -7.91 15.71 -3.48
N ALA A 17 -6.92 14.94 -3.04
CA ALA A 17 -5.71 14.68 -3.83
C ALA A 17 -5.84 13.50 -4.78
N ALA A 18 -6.97 12.79 -4.70
CA ALA A 18 -7.16 11.51 -5.39
C ALA A 18 -7.01 11.56 -6.91
N GLU A 19 -7.62 12.55 -7.55
CA GLU A 19 -7.55 12.70 -9.01
C GLU A 19 -6.11 12.76 -9.50
N GLN A 20 -5.31 13.60 -8.86
CA GLN A 20 -3.90 13.76 -9.19
C GLN A 20 -3.10 12.48 -8.89
N LEU A 21 -3.40 11.83 -7.76
CA LEU A 21 -2.76 10.56 -7.42
C LEU A 21 -2.98 9.52 -8.51
N ILE A 22 -4.21 9.44 -9.01
CA ILE A 22 -4.58 8.47 -10.04
C ILE A 22 -3.89 8.75 -11.38
N ARG A 23 -3.77 10.02 -11.75
CA ARG A 23 -2.99 10.40 -12.94
C ARG A 23 -1.55 9.94 -12.82
N ASP A 24 -0.98 10.09 -11.62
CA ASP A 24 0.41 9.73 -11.36
C ASP A 24 0.64 8.22 -11.26
N ILE A 25 -0.38 7.47 -10.80
CA ILE A 25 -0.35 6.00 -10.87
C ILE A 25 -0.20 5.57 -12.33
N ASN A 26 -1.01 6.16 -13.20
CA ASN A 26 -0.96 5.89 -14.65
C ASN A 26 0.40 6.22 -15.26
N ASP A 27 1.02 7.29 -14.79
CA ASP A 27 2.34 7.70 -15.26
C ASP A 27 3.43 6.72 -14.80
N VAL A 28 3.36 6.32 -13.54
CA VAL A 28 4.28 5.32 -13.00
C VAL A 28 4.16 3.99 -13.73
N ALA A 29 2.92 3.54 -13.92
CA ALA A 29 2.64 2.25 -14.56
C ALA A 29 2.99 2.23 -16.05
N SER A 30 3.05 3.41 -16.68
CA SER A 30 3.45 3.52 -18.07
C SER A 30 4.95 3.24 -18.28
N GLN A 31 5.71 3.30 -17.17
CA GLN A 31 7.15 3.03 -17.19
C GLN A 31 7.43 1.66 -16.57
N SER A 32 6.91 1.43 -15.37
CA SER A 32 6.93 0.12 -14.75
C SER A 32 5.49 -0.40 -14.65
N PRO A 33 5.08 -1.23 -15.64
CA PRO A 33 3.68 -1.67 -15.69
C PRO A 33 3.26 -2.55 -14.52
N PHE A 34 1.96 -2.56 -14.23
CA PHE A 34 1.42 -3.49 -13.26
C PHE A 34 1.72 -4.91 -13.70
N ARG A 35 2.10 -5.74 -12.74
CA ARG A 35 2.30 -7.16 -12.99
C ARG A 35 1.85 -7.96 -11.77
N GLN A 36 1.32 -9.15 -12.03
CA GLN A 36 0.94 -10.05 -10.96
C GLN A 36 2.15 -10.89 -10.61
N MET A 37 2.66 -10.69 -9.41
CA MET A 37 3.91 -11.31 -8.99
C MET A 37 3.70 -12.76 -8.56
N VAL A 38 4.74 -13.57 -8.72
CA VAL A 38 4.67 -14.99 -8.39
C VAL A 38 5.41 -15.23 -7.08
N THR A 39 4.77 -15.90 -6.14
CA THR A 39 5.37 -16.23 -4.84
C THR A 39 6.53 -17.22 -5.01
N PRO A 40 7.44 -17.29 -4.00
CA PRO A 40 8.46 -18.33 -3.97
C PRO A 40 7.88 -19.74 -4.17
N GLY A 41 6.70 -19.99 -3.60
CA GLY A 41 6.01 -21.28 -3.74
C GLY A 41 5.40 -21.55 -5.10
N GLY A 42 5.34 -20.51 -5.95
CA GLY A 42 4.96 -20.68 -7.35
C GLY A 42 3.55 -20.25 -7.72
N TYR A 43 2.88 -19.57 -6.80
CA TYR A 43 1.51 -19.09 -7.03
C TYR A 43 1.48 -17.63 -7.46
N THR A 44 0.68 -17.34 -8.47
CA THR A 44 0.52 -15.96 -8.95
C THR A 44 -0.46 -15.21 -8.06
N MET A 45 -0.03 -14.04 -7.57
CA MET A 45 -0.86 -13.18 -6.72
C MET A 45 -2.00 -12.55 -7.52
N SER A 46 -3.16 -12.41 -6.88
CA SER A 46 -4.34 -11.83 -7.52
C SER A 46 -4.21 -10.31 -7.68
N VAL A 47 -3.50 -9.68 -6.74
CA VAL A 47 -3.19 -8.25 -6.80
C VAL A 47 -2.09 -7.99 -7.84
N ALA A 48 -2.34 -7.02 -8.72
CA ALA A 48 -1.33 -6.55 -9.66
C ALA A 48 -0.53 -5.44 -9.00
N MET A 49 0.78 -5.46 -9.18
CA MET A 49 1.68 -4.56 -8.46
C MET A 49 2.68 -3.82 -9.34
N THR A 50 3.03 -2.63 -8.90
CA THR A 50 4.22 -1.94 -9.39
C THR A 50 4.78 -1.10 -8.23
N ASN A 51 5.89 -0.41 -8.47
CA ASN A 51 6.54 0.39 -7.45
C ASN A 51 7.05 1.71 -8.00
N CYS A 52 7.21 2.69 -7.12
CA CYS A 52 7.92 3.92 -7.44
C CYS A 52 8.77 4.33 -6.24
N GLY A 53 9.67 5.28 -6.45
CA GLY A 53 10.65 5.66 -5.43
C GLY A 53 11.92 4.85 -5.56
N HIS A 54 12.81 5.01 -4.56
CA HIS A 54 14.12 4.38 -4.58
C HIS A 54 14.09 2.85 -4.53
N LEU A 55 13.15 2.30 -3.77
CA LEU A 55 13.06 0.85 -3.57
C LEU A 55 11.67 0.30 -3.83
N GLY A 56 11.60 -0.82 -4.54
CA GLY A 56 10.33 -1.46 -4.82
C GLY A 56 10.23 -2.85 -4.25
N TRP A 57 9.10 -3.15 -3.61
CA TRP A 57 8.82 -4.49 -3.10
C TRP A 57 8.59 -5.46 -4.26
N THR A 58 9.22 -6.63 -4.18
CA THR A 58 9.05 -7.67 -5.19
C THR A 58 9.24 -9.07 -4.64
N THR A 59 8.71 -10.04 -5.36
CA THR A 59 8.98 -11.45 -5.09
C THR A 59 9.98 -11.98 -6.10
N HIS A 60 10.63 -13.07 -5.71
CA HIS A 60 11.42 -13.88 -6.63
C HIS A 60 11.50 -15.29 -6.01
N ARG A 61 12.29 -16.17 -6.59
CA ARG A 61 12.38 -17.55 -6.13
C ARG A 61 12.81 -17.67 -4.66
N GLN A 62 13.74 -16.81 -4.25
CA GLN A 62 14.41 -16.91 -2.94
C GLN A 62 13.60 -16.28 -1.78
N GLY A 63 12.57 -15.52 -2.12
CA GLY A 63 11.73 -14.88 -1.12
C GLY A 63 11.19 -13.54 -1.54
N TYR A 64 11.08 -12.61 -0.58
CA TYR A 64 10.68 -11.23 -0.86
C TYR A 64 11.88 -10.32 -0.69
N LEU A 65 11.90 -9.22 -1.43
CA LEU A 65 12.96 -8.21 -1.28
C LEU A 65 12.61 -6.84 -1.83
N TYR A 66 13.30 -5.83 -1.33
CA TYR A 66 13.25 -4.49 -1.90
C TYR A 66 14.41 -4.30 -2.86
N SER A 67 14.10 -3.92 -4.09
CA SER A 67 15.10 -3.74 -5.12
C SER A 67 15.03 -2.34 -5.71
N PRO A 68 16.18 -1.72 -5.97
CA PRO A 68 16.20 -0.44 -6.70
C PRO A 68 15.85 -0.61 -8.18
N ILE A 69 15.88 -1.86 -8.65
CA ILE A 69 15.66 -2.19 -10.06
C ILE A 69 14.39 -3.02 -10.24
N ASP A 70 13.58 -2.60 -11.21
CA ASP A 70 12.40 -3.36 -11.64
C ASP A 70 12.89 -4.59 -12.41
N PRO A 71 12.63 -5.81 -11.87
CA PRO A 71 13.13 -7.03 -12.51
C PRO A 71 12.48 -7.29 -13.87
N GLN A 72 11.36 -6.65 -14.15
CA GLN A 72 10.68 -6.79 -15.44
C GLN A 72 11.33 -5.93 -16.53
N THR A 73 11.59 -4.66 -16.21
CA THR A 73 12.13 -3.71 -17.18
C THR A 73 13.66 -3.63 -17.15
N ASN A 74 14.25 -4.07 -16.04
CA ASN A 74 15.69 -3.95 -15.78
C ASN A 74 16.17 -2.50 -15.67
N LYS A 75 15.22 -1.60 -15.42
CA LYS A 75 15.47 -0.20 -15.20
C LYS A 75 15.09 0.11 -13.75
N PRO A 76 15.62 1.22 -13.19
CA PRO A 76 15.11 1.65 -11.88
C PRO A 76 13.60 1.86 -11.92
N TRP A 77 12.95 1.69 -10.78
CA TRP A 77 11.55 2.07 -10.66
C TRP A 77 11.42 3.56 -10.93
N PRO A 78 10.24 4.01 -11.44
CA PRO A 78 10.02 5.44 -11.63
C PRO A 78 10.19 6.20 -10.31
N ALA A 79 10.65 7.45 -10.41
CA ALA A 79 10.76 8.32 -9.25
C ALA A 79 9.40 8.44 -8.58
N MET A 80 9.39 8.57 -7.26
CA MET A 80 8.14 8.77 -6.54
C MET A 80 7.57 10.14 -6.93
N PRO A 81 6.33 10.17 -7.46
CA PRO A 81 5.70 11.44 -7.81
C PRO A 81 5.62 12.38 -6.60
N GLN A 82 5.74 13.68 -6.86
CA GLN A 82 5.63 14.69 -5.80
C GLN A 82 4.26 14.62 -5.11
N SER A 83 3.21 14.33 -5.87
CA SER A 83 1.85 14.21 -5.31
C SER A 83 1.77 13.09 -4.28
N PHE A 84 2.46 11.97 -4.56
CA PHE A 84 2.56 10.84 -3.65
C PHE A 84 3.29 11.24 -2.37
N HIS A 85 4.48 11.82 -2.53
CA HIS A 85 5.32 12.19 -1.40
C HIS A 85 4.65 13.26 -0.52
N ASN A 86 4.01 14.23 -1.15
CA ASN A 86 3.35 15.32 -0.42
C ASN A 86 2.18 14.79 0.41
N LEU A 87 1.32 13.99 -0.23
CA LEU A 87 0.19 13.36 0.44
C LEU A 87 0.64 12.50 1.62
N CYS A 88 1.65 11.66 1.38
CA CYS A 88 2.21 10.78 2.41
C CYS A 88 2.73 11.54 3.62
N GLN A 89 3.45 12.63 3.38
N GLN A 89 3.44 12.64 3.37
CA GLN A 89 3.98 13.50 4.43
CA GLN A 89 3.97 13.51 4.42
C GLN A 89 2.85 14.09 5.29
C GLN A 89 2.84 14.08 5.29
N ARG A 90 1.81 14.61 4.64
CA ARG A 90 0.65 15.18 5.34
C ARG A 90 -0.11 14.15 6.17
N ALA A 91 -0.30 12.95 5.60
CA ALA A 91 -0.99 11.87 6.30
C ALA A 91 -0.22 11.40 7.52
N ALA A 92 1.09 11.17 7.34
CA ALA A 92 1.96 10.74 8.43
C ALA A 92 2.00 11.75 9.57
N THR A 93 2.10 13.03 9.24
CA THR A 93 2.10 14.11 10.23
C THR A 93 0.78 14.14 11.01
N ALA A 94 -0.34 14.01 10.29
CA ALA A 94 -1.66 13.95 10.91
C ALA A 94 -1.82 12.71 11.81
N ALA A 95 -1.17 11.63 11.42
CA ALA A 95 -1.21 10.37 12.16
C ALA A 95 -0.28 10.34 13.37
N GLY A 96 0.56 11.36 13.51
CA GLY A 96 1.51 11.45 14.62
C GLY A 96 2.91 10.95 14.29
N TYR A 97 3.21 10.88 13.00
CA TYR A 97 4.53 10.46 12.52
C TYR A 97 5.17 11.54 11.63
N PRO A 98 5.49 12.71 12.21
CA PRO A 98 5.88 13.87 11.38
C PRO A 98 7.25 13.75 10.72
N ASP A 99 8.06 12.80 11.17
CA ASP A 99 9.45 12.65 10.69
C ASP A 99 9.64 11.54 9.67
N PHE A 100 8.54 10.92 9.24
CA PHE A 100 8.56 9.81 8.29
C PHE A 100 9.07 10.26 6.92
N GLN A 101 10.09 9.57 6.41
N GLN A 101 10.07 9.54 6.42
CA GLN A 101 10.64 9.86 5.10
CA GLN A 101 10.70 9.82 5.13
C GLN A 101 10.69 8.60 4.24
C GLN A 101 10.70 8.57 4.23
N PRO A 102 9.61 8.34 3.49
CA PRO A 102 9.53 7.13 2.65
C PRO A 102 10.53 7.15 1.49
N ASP A 103 11.01 5.97 1.12
CA ASP A 103 11.91 5.81 -0.02
C ASP A 103 11.37 4.72 -0.93
N ALA A 104 10.11 4.35 -0.71
CA ALA A 104 9.49 3.20 -1.36
C ALA A 104 7.99 3.36 -1.35
N CYS A 105 7.39 3.23 -2.53
CA CYS A 105 5.93 3.18 -2.63
C CYS A 105 5.49 2.01 -3.50
N LEU A 106 4.82 1.05 -2.88
CA LEU A 106 4.23 -0.07 -3.58
C LEU A 106 2.81 0.29 -4.03
N ILE A 107 2.55 0.10 -5.32
CA ILE A 107 1.25 0.40 -5.89
C ILE A 107 0.50 -0.89 -6.20
N ASN A 108 -0.60 -1.12 -5.48
CA ASN A 108 -1.45 -2.30 -5.64
C ASN A 108 -2.70 -2.00 -6.43
N ARG A 109 -3.03 -2.89 -7.36
CA ARG A 109 -4.29 -2.80 -8.11
C ARG A 109 -5.14 -4.03 -7.90
N TYR A 110 -6.36 -3.81 -7.41
CA TYR A 110 -7.32 -4.89 -7.17
C TYR A 110 -8.43 -4.88 -8.20
N ALA A 111 -8.50 -5.94 -8.99
CA ALA A 111 -9.68 -6.23 -9.81
C ALA A 111 -10.69 -6.96 -8.92
N PRO A 112 -11.96 -7.04 -9.36
CA PRO A 112 -12.93 -7.84 -8.62
C PRO A 112 -12.38 -9.24 -8.27
N GLY A 113 -12.47 -9.60 -7.00
CA GLY A 113 -12.01 -10.92 -6.55
C GLY A 113 -10.61 -10.95 -6.00
N ALA A 114 -9.80 -9.93 -6.32
CA ALA A 114 -8.43 -9.85 -5.86
C ALA A 114 -8.37 -9.67 -4.34
N LYS A 115 -7.38 -10.31 -3.73
CA LYS A 115 -7.25 -10.31 -2.29
C LYS A 115 -5.80 -10.17 -1.90
N LEU A 116 -5.58 -9.87 -0.62
CA LEU A 116 -4.24 -9.95 -0.05
C LEU A 116 -4.39 -10.60 1.31
N CYS A 117 -3.95 -11.86 1.41
CA CYS A 117 -4.07 -12.66 2.63
C CYS A 117 -3.25 -12.10 3.78
N LEU A 118 -3.74 -12.32 5.01
CA LEU A 118 -3.08 -11.85 6.22
C LEU A 118 -1.57 -12.01 6.14
N HIS A 119 -0.86 -10.90 6.30
CA HIS A 119 0.60 -10.90 6.28
C HIS A 119 1.13 -9.79 7.20
N GLN A 120 2.43 -9.86 7.48
CA GLN A 120 3.14 -8.78 8.15
C GLN A 120 4.02 -8.05 7.13
N ASP A 121 4.14 -6.74 7.28
CA ASP A 121 5.17 -5.99 6.58
C ASP A 121 6.43 -6.02 7.44
N LYS A 122 7.46 -6.73 6.98
CA LYS A 122 8.65 -6.95 7.80
C LYS A 122 9.96 -7.02 7.00
N ASP A 123 9.89 -6.70 5.71
CA ASP A 123 11.08 -6.74 4.84
C ASP A 123 11.92 -5.46 4.95
N GLU A 124 11.50 -4.56 5.85
CA GLU A 124 12.20 -3.31 6.10
C GLU A 124 13.05 -3.46 7.38
N PRO A 125 14.34 -3.04 7.30
CA PRO A 125 15.28 -3.16 8.43
C PRO A 125 15.07 -2.13 9.55
N ASP A 126 14.55 -0.95 9.21
CA ASP A 126 14.32 0.11 10.21
C ASP A 126 12.84 0.10 10.63
N LEU A 127 12.56 -0.62 11.72
CA LEU A 127 11.18 -0.82 12.18
C LEU A 127 10.57 0.40 12.88
N ARG A 128 11.41 1.39 13.18
CA ARG A 128 10.95 2.68 13.74
C ARG A 128 9.97 3.39 12.81
N ALA A 129 10.13 3.17 11.50
CA ALA A 129 9.36 3.86 10.48
C ALA A 129 7.97 3.25 10.26
N PRO A 130 6.93 4.10 10.19
CA PRO A 130 5.56 3.67 9.98
C PRO A 130 5.24 3.22 8.55
N ILE A 131 4.05 2.65 8.38
CA ILE A 131 3.52 2.35 7.06
C ILE A 131 2.35 3.29 6.80
N VAL A 132 2.36 3.95 5.65
CA VAL A 132 1.24 4.81 5.24
C VAL A 132 0.55 4.17 4.04
N SER A 133 -0.77 3.97 4.16
CA SER A 133 -1.54 3.16 3.22
C SER A 133 -2.78 3.91 2.70
N VAL A 134 -2.75 4.26 1.41
CA VAL A 134 -3.81 5.08 0.80
C VAL A 134 -4.77 4.24 -0.05
N SER A 135 -6.08 4.38 0.19
CA SER A 135 -7.10 3.68 -0.58
C SER A 135 -7.67 4.57 -1.68
N LEU A 136 -7.80 4.02 -2.88
CA LEU A 136 -8.39 4.73 -4.02
C LEU A 136 -9.36 3.82 -4.78
N GLY A 137 -10.49 4.38 -5.19
CA GLY A 137 -11.47 3.65 -6.00
C GLY A 137 -12.47 2.83 -5.20
N LEU A 138 -12.70 1.60 -5.64
CA LEU A 138 -13.71 0.71 -5.05
C LEU A 138 -13.40 0.36 -3.60
N PRO A 139 -14.45 0.22 -2.76
CA PRO A 139 -14.23 -0.10 -1.35
C PRO A 139 -13.77 -1.53 -1.12
N ALA A 140 -13.01 -1.74 -0.04
CA ALA A 140 -12.56 -3.07 0.35
C ALA A 140 -12.58 -3.24 1.86
N ILE A 141 -12.73 -4.50 2.30
CA ILE A 141 -12.63 -4.82 3.72
C ILE A 141 -11.18 -5.07 4.10
N PHE A 142 -10.67 -4.21 4.97
CA PHE A 142 -9.32 -4.29 5.50
C PHE A 142 -9.32 -5.04 6.82
N GLN A 143 -8.47 -6.06 6.92
CA GLN A 143 -8.30 -6.82 8.16
C GLN A 143 -7.10 -6.27 8.91
N PHE A 144 -7.27 -6.03 10.20
CA PHE A 144 -6.16 -5.57 11.05
C PHE A 144 -6.17 -6.31 12.37
N GLY A 145 -5.10 -7.08 12.61
CA GLY A 145 -5.02 -7.96 13.76
C GLY A 145 -4.00 -7.53 14.79
N GLY A 146 -3.13 -8.47 15.17
CA GLY A 146 -2.08 -8.21 16.14
C GLY A 146 -0.76 -8.83 15.72
N LEU A 147 0.09 -9.09 16.71
CA LEU A 147 1.44 -9.64 16.48
C LEU A 147 1.42 -11.12 16.11
N LYS A 148 0.35 -11.81 16.48
CA LYS A 148 0.16 -13.21 16.11
C LYS A 148 -0.90 -13.34 15.02
N ARG A 149 -0.76 -14.37 14.20
CA ARG A 149 -1.70 -14.63 13.11
C ARG A 149 -3.13 -14.84 13.62
N ASN A 150 -3.25 -15.50 14.78
CA ASN A 150 -4.55 -15.87 15.35
C ASN A 150 -5.15 -14.82 16.29
N ASP A 151 -4.48 -13.68 16.43
CA ASP A 151 -5.04 -12.56 17.19
C ASP A 151 -6.29 -12.05 16.46
N PRO A 152 -7.35 -11.71 17.22
CA PRO A 152 -8.62 -11.30 16.60
C PRO A 152 -8.46 -10.13 15.62
N LEU A 153 -9.22 -10.19 14.52
CA LEU A 153 -9.14 -9.18 13.48
C LEU A 153 -10.22 -8.12 13.65
N LYS A 154 -9.83 -6.87 13.44
CA LYS A 154 -10.79 -5.81 13.20
C LYS A 154 -11.02 -5.78 11.70
N ARG A 155 -12.28 -5.71 11.29
CA ARG A 155 -12.62 -5.63 9.87
C ARG A 155 -13.17 -4.24 9.57
N LEU A 156 -12.48 -3.51 8.71
CA LEU A 156 -12.82 -2.13 8.42
C LEU A 156 -12.98 -1.90 6.93
N LEU A 157 -14.12 -1.33 6.54
CA LEU A 157 -14.31 -0.90 5.18
C LEU A 157 -13.41 0.29 4.91
N LEU A 158 -12.59 0.18 3.87
CA LEU A 158 -11.78 1.29 3.42
C LEU A 158 -12.36 1.84 2.13
N GLU A 159 -12.72 3.12 2.17
CA GLU A 159 -13.33 3.78 1.03
C GLU A 159 -12.37 4.72 0.32
N HIS A 160 -12.75 5.15 -0.88
CA HIS A 160 -11.94 6.07 -1.70
C HIS A 160 -11.44 7.27 -0.90
N GLY A 161 -10.12 7.38 -0.78
CA GLY A 161 -9.51 8.51 -0.08
C GLY A 161 -9.08 8.24 1.35
N ASP A 162 -9.52 7.11 1.91
CA ASP A 162 -9.14 6.72 3.27
C ASP A 162 -7.65 6.42 3.34
N VAL A 163 -7.02 6.86 4.43
CA VAL A 163 -5.60 6.57 4.67
C VAL A 163 -5.47 5.88 6.01
N VAL A 164 -4.74 4.76 6.01
CA VAL A 164 -4.46 4.01 7.22
C VAL A 164 -2.97 4.09 7.49
N VAL A 165 -2.61 4.42 8.73
CA VAL A 165 -1.22 4.50 9.14
C VAL A 165 -1.03 3.63 10.37
N TRP A 166 -0.04 2.76 10.33
CA TRP A 166 0.40 2.04 11.52
C TRP A 166 1.91 2.08 11.70
N GLY A 167 2.35 1.93 12.94
CA GLY A 167 3.76 2.00 13.30
C GLY A 167 3.89 1.82 14.80
N GLY A 168 5.12 1.96 15.29
CA GLY A 168 5.41 1.79 16.71
C GLY A 168 4.95 0.41 17.17
N GLU A 169 4.06 0.40 18.15
CA GLU A 169 3.53 -0.85 18.72
C GLU A 169 2.79 -1.73 17.71
N SER A 170 2.10 -1.10 16.76
CA SER A 170 1.30 -1.84 15.77
C SER A 170 2.05 -2.11 14.47
N ARG A 171 3.34 -1.74 14.43
CA ARG A 171 4.16 -1.82 13.22
C ARG A 171 4.15 -3.19 12.53
N LEU A 172 4.29 -4.25 13.32
CA LEU A 172 4.38 -5.61 12.77
C LEU A 172 3.07 -6.40 12.82
N PHE A 173 1.96 -5.68 12.97
CA PHE A 173 0.65 -6.31 13.07
C PHE A 173 0.21 -6.94 11.75
N TYR A 174 -0.39 -8.13 11.85
CA TYR A 174 -0.95 -8.80 10.69
C TYR A 174 -2.11 -7.98 10.13
N HIS A 175 -2.22 -7.97 8.80
CA HIS A 175 -3.23 -7.21 8.12
C HIS A 175 -3.47 -7.79 6.72
N GLY A 176 -4.62 -7.49 6.15
CA GLY A 176 -4.95 -7.98 4.81
C GLY A 176 -6.17 -7.35 4.19
N ILE A 177 -6.46 -7.77 2.96
CA ILE A 177 -7.61 -7.29 2.19
C ILE A 177 -8.44 -8.50 1.74
N GLN A 178 -9.75 -8.44 2.03
CA GLN A 178 -10.68 -9.49 1.60
C GLN A 178 -11.02 -9.34 0.11
N PRO A 179 -11.35 -10.46 -0.57
CA PRO A 179 -11.68 -10.43 -2.00
C PRO A 179 -12.58 -9.27 -2.40
N LEU A 180 -12.09 -8.43 -3.30
CA LEU A 180 -12.78 -7.21 -3.72
C LEU A 180 -14.10 -7.50 -4.41
N LYS A 181 -15.15 -6.86 -3.90
N LYS A 181 -15.16 -6.86 -3.91
CA LYS A 181 -16.48 -6.90 -4.50
CA LYS A 181 -16.47 -6.94 -4.52
C LYS A 181 -16.46 -6.07 -5.79
C LYS A 181 -16.49 -6.07 -5.77
N ALA A 182 -17.19 -6.53 -6.81
CA ALA A 182 -17.28 -5.80 -8.08
C ALA A 182 -18.11 -4.52 -7.90
N GLY A 183 -17.86 -3.53 -8.75
CA GLY A 183 -18.63 -2.29 -8.71
C GLY A 183 -18.12 -1.21 -9.63
N PHE A 184 -18.60 0.01 -9.39
CA PHE A 184 -18.19 1.16 -10.18
C PHE A 184 -17.72 2.31 -9.31
N HIS A 185 -16.65 2.96 -9.76
CA HIS A 185 -16.20 4.21 -9.19
C HIS A 185 -15.86 5.16 -10.34
N PRO A 186 -16.31 6.44 -10.25
CA PRO A 186 -16.13 7.38 -11.37
C PRO A 186 -14.67 7.64 -11.78
N LEU A 187 -13.74 7.43 -10.85
CA LEU A 187 -12.33 7.73 -11.09
C LEU A 187 -11.46 6.53 -11.47
N THR A 188 -11.84 5.33 -11.03
CA THR A 188 -11.07 4.12 -11.31
C THR A 188 -11.82 3.11 -12.17
N ILE A 189 -13.10 3.41 -12.43
CA ILE A 189 -14.00 2.54 -13.22
C ILE A 189 -14.36 1.22 -12.51
N ASP A 190 -13.40 0.29 -12.45
CA ASP A 190 -13.70 -1.07 -12.01
C ASP A 190 -12.70 -1.69 -11.03
N CYS A 191 -11.83 -0.86 -10.46
CA CYS A 191 -10.78 -1.39 -9.59
C CYS A 191 -10.57 -0.59 -8.31
N ARG A 192 -9.77 -1.16 -7.42
CA ARG A 192 -9.25 -0.45 -6.27
C ARG A 192 -7.74 -0.32 -6.43
N TYR A 193 -7.23 0.88 -6.15
CA TYR A 193 -5.80 1.09 -6.03
C TYR A 193 -5.43 1.27 -4.57
N ASN A 194 -4.23 0.84 -4.22
CA ASN A 194 -3.65 1.14 -2.92
C ASN A 194 -2.20 1.61 -3.08
N LEU A 195 -1.86 2.69 -2.38
CA LEU A 195 -0.49 3.16 -2.30
C LEU A 195 0.04 2.85 -0.91
N THR A 196 1.13 2.08 -0.84
CA THR A 196 1.75 1.75 0.44
C THR A 196 3.17 2.32 0.53
N PHE A 197 3.33 3.35 1.37
CA PHE A 197 4.60 4.05 1.55
C PHE A 197 5.38 3.47 2.73
N ARG A 198 6.67 3.23 2.52
CA ARG A 198 7.53 2.69 3.57
C ARG A 198 8.93 3.29 3.53
N GLN A 199 9.66 3.14 4.64
CA GLN A 199 11.10 3.34 4.68
C GLN A 199 11.74 1.96 4.58
N ALA A 200 12.31 1.65 3.42
CA ALA A 200 12.87 0.33 3.15
C ALA A 200 14.40 0.30 3.19
N GLY A 201 15.00 1.49 3.08
CA GLY A 201 16.46 1.61 3.14
C GLY A 201 16.93 2.30 4.41
#